data_2PH3
#
_entry.id   2PH3
#
_cell.length_a   76.525
_cell.length_b   76.525
_cell.length_c   137.562
_cell.angle_alpha   90.00
_cell.angle_beta   90.00
_cell.angle_gamma   120.00
#
_symmetry.space_group_name_H-M   'P 62'
#
loop_
_entity.id
_entity.type
_entity.pdbx_description
1 polymer '3-oxoacyl-[acyl carrier protein] reductase'
2 water water
#
_entity_poly.entity_id   1
_entity_poly.type   'polypeptide(L)'
_entity_poly.pdbx_seq_one_letter_code
;MRKALITGASRGIGRAIALRLAEDGFALAIHYGQNREKAEEVAEEARRRGSPLVAVLGANLLEAEAATALVHQAAEVLGG
LDTLVNNAGITRDTLLVRMKDEDWEAVLEANLSAVFRTTREAVKLMMKARFGRIVNITSVVGILGNPGQANYVASKAGLI
GFTRAVAKEYAQRGITVNAVAPGFIETEMTERLPQEVKEAYLKQIPAGRFGRPEEVAEAVAFLVSEKAGYITGQTLCVDG
GLTPH
;
_entity_poly.pdbx_strand_id   A,B
#
# COMPACT_ATOMS: atom_id res chain seq x y z
N MET A 1 22.29 -8.19 -14.48
CA MET A 1 23.42 -8.81 -15.27
C MET A 1 22.90 -9.79 -16.33
N ARG A 2 23.03 -11.01 -15.93
CA ARG A 2 22.62 -12.14 -16.54
C ARG A 2 21.66 -13.36 -16.77
N LYS A 3 20.98 -13.43 -15.69
CA LYS A 3 19.64 -13.83 -15.20
C LYS A 3 18.66 -12.67 -14.95
N ALA A 4 17.39 -12.90 -15.27
CA ALA A 4 16.12 -12.43 -14.72
C ALA A 4 14.82 -13.26 -14.72
N LEU A 5 14.03 -13.06 -13.67
CA LEU A 5 12.67 -13.56 -13.54
C LEU A 5 11.73 -12.40 -13.78
N ILE A 6 10.85 -12.54 -14.77
CA ILE A 6 9.82 -11.54 -15.03
C ILE A 6 8.45 -12.21 -14.78
N THR A 7 7.70 -11.67 -13.85
CA THR A 7 6.33 -12.17 -13.60
C THR A 7 5.30 -11.62 -14.58
N GLY A 8 4.29 -12.43 -14.93
CA GLY A 8 3.26 -11.96 -15.87
C GLY A 8 3.82 -11.55 -17.22
N ALA A 9 4.80 -12.34 -17.70
CA ALA A 9 5.54 -11.98 -18.93
C ALA A 9 4.96 -12.58 -20.21
N SER A 10 3.75 -13.11 -20.15
CA SER A 10 3.14 -13.75 -21.36
C SER A 10 2.43 -12.77 -22.29
N ARG A 11 2.18 -11.54 -21.81
CA ARG A 11 1.50 -10.54 -22.64
C ARG A 11 1.88 -9.15 -22.23
N GLY A 12 1.47 -8.19 -23.08
CA GLY A 12 1.54 -6.76 -22.72
C GLY A 12 2.91 -6.27 -22.23
N ILE A 13 2.89 -5.57 -21.10
CA ILE A 13 4.12 -4.98 -20.51
C ILE A 13 5.15 -6.04 -20.12
N GLY A 14 4.68 -7.14 -19.53
CA GLY A 14 5.62 -8.15 -19.09
C GLY A 14 6.34 -8.73 -20.30
N ARG A 15 5.59 -9.03 -21.35
CA ARG A 15 6.17 -9.54 -22.59
C ARG A 15 7.21 -8.57 -23.16
N ALA A 16 6.84 -7.29 -23.24
CA ALA A 16 7.74 -6.23 -23.78
C ALA A 16 9.01 -6.19 -22.95
N ILE A 17 8.87 -6.31 -21.62
CA ILE A 17 10.02 -6.27 -20.71
C ILE A 17 10.89 -7.52 -21.00
N ALA A 18 10.26 -8.70 -21.03
CA ALA A 18 10.94 -9.92 -21.45
C ALA A 18 11.74 -9.74 -22.76
N LEU A 19 11.08 -9.26 -23.81
CA LEU A 19 11.71 -9.14 -25.16
C LEU A 19 12.84 -8.09 -25.20
N ARG A 20 12.64 -7.02 -24.43
CA ARG A 20 13.63 -5.96 -24.31
C ARG A 20 14.92 -6.44 -23.66
N LEU A 21 14.79 -7.16 -22.55
CA LEU A 21 15.98 -7.72 -21.88
C LEU A 21 16.66 -8.84 -22.69
N ALA A 22 15.88 -9.60 -23.50
CA ALA A 22 16.45 -10.60 -24.42
C ALA A 22 17.43 -9.93 -25.40
N GLU A 23 17.09 -8.72 -25.82
CA GLU A 23 17.90 -7.92 -26.74
C GLU A 23 19.20 -7.54 -26.10
N ASP A 24 19.23 -7.56 -24.76
CA ASP A 24 20.44 -7.25 -24.00
C ASP A 24 21.23 -8.50 -23.62
N GLY A 25 20.79 -9.66 -24.12
CA GLY A 25 21.45 -10.95 -23.84
C GLY A 25 21.14 -11.57 -22.50
N PHE A 26 20.06 -11.14 -21.83
CA PHE A 26 19.74 -11.70 -20.51
C PHE A 26 19.21 -13.13 -20.69
N ALA A 27 19.57 -14.03 -19.77
CA ALA A 27 18.79 -15.29 -19.56
C ALA A 27 17.46 -14.98 -18.83
N LEU A 28 16.36 -15.66 -19.21
CA LEU A 28 15.01 -15.20 -18.83
C LEU A 28 14.13 -16.35 -18.38
N ALA A 29 13.53 -16.23 -17.20
CA ALA A 29 12.44 -17.10 -16.81
C ALA A 29 11.16 -16.29 -17.04
N ILE A 30 10.31 -16.80 -17.92
CA ILE A 30 9.10 -16.10 -18.33
C ILE A 30 8.04 -16.74 -17.48
N HIS A 31 7.59 -16.01 -16.46
CA HIS A 31 6.46 -16.49 -15.65
C HIS A 31 5.09 -16.18 -16.27
N TYR A 32 4.11 -17.08 -16.06
CA TYR A 32 2.72 -16.88 -16.52
C TYR A 32 1.76 -17.53 -15.52
N GLY A 33 0.55 -17.00 -15.45
CA GLY A 33 -0.53 -17.50 -14.60
C GLY A 33 -1.27 -18.66 -15.25
N GLN A 34 -1.91 -18.38 -16.39
CA GLN A 34 -2.75 -19.37 -17.10
C GLN A 34 -2.27 -19.68 -18.52
N ASN A 35 -2.01 -18.65 -19.31
CA ASN A 35 -1.85 -18.90 -20.74
C ASN A 35 -0.47 -19.38 -21.11
N ARG A 36 -0.31 -20.69 -21.00
CA ARG A 36 0.99 -21.27 -21.21
C ARG A 36 1.48 -21.12 -22.67
N GLU A 37 0.58 -21.34 -23.61
CA GLU A 37 0.96 -21.30 -25.02
C GLU A 37 1.48 -19.90 -25.37
N LYS A 38 0.84 -18.88 -24.84
CA LYS A 38 1.29 -17.51 -25.05
C LYS A 38 2.67 -17.27 -24.42
N ALA A 39 2.87 -17.73 -23.19
CA ALA A 39 4.19 -17.69 -22.61
C ALA A 39 5.30 -18.35 -23.49
N GLU A 40 4.96 -19.46 -24.18
CA GLU A 40 5.95 -20.18 -24.99
C GLU A 40 6.28 -19.39 -26.24
N GLU A 41 5.24 -18.76 -26.76
CA GLU A 41 5.36 -17.81 -27.86
C GLU A 41 6.41 -16.73 -27.52
N VAL A 42 6.29 -16.13 -26.32
CA VAL A 42 7.20 -15.06 -25.89
C VAL A 42 8.62 -15.63 -25.74
N ALA A 43 8.73 -16.83 -25.15
CA ALA A 43 10.02 -17.48 -24.98
C ALA A 43 10.74 -17.69 -26.32
N GLU A 44 10.02 -18.13 -27.33
CA GLU A 44 10.59 -18.33 -28.68
C GLU A 44 11.08 -17.01 -29.28
N GLU A 45 10.30 -15.95 -29.13
CA GLU A 45 10.68 -14.64 -29.61
C GLU A 45 11.90 -14.07 -28.86
N ALA A 46 11.95 -14.28 -27.55
CA ALA A 46 13.09 -13.88 -26.74
C ALA A 46 14.34 -14.61 -27.23
N ARG A 47 14.19 -15.89 -27.55
CA ARG A 47 15.31 -16.65 -28.11
C ARG A 47 15.77 -16.04 -29.42
N ARG A 48 14.82 -15.76 -30.31
CA ARG A 48 15.09 -15.15 -31.64
C ARG A 48 15.74 -13.77 -31.54
N ARG A 49 15.43 -13.02 -30.48
CA ARG A 49 16.06 -11.70 -30.23
C ARG A 49 17.41 -11.73 -29.54
N GLY A 50 17.85 -12.90 -29.07
CA GLY A 50 19.24 -13.02 -28.54
C GLY A 50 19.44 -13.57 -27.15
N SER A 51 18.35 -14.02 -26.50
CA SER A 51 18.49 -14.61 -25.15
C SER A 51 19.11 -15.99 -25.31
N PRO A 52 20.16 -16.28 -24.51
CA PRO A 52 20.92 -17.54 -24.52
C PRO A 52 20.34 -18.66 -23.65
N LEU A 53 19.38 -18.29 -22.81
CA LEU A 53 18.71 -19.29 -21.99
C LEU A 53 17.36 -18.74 -21.61
N VAL A 54 16.29 -19.42 -22.07
CA VAL A 54 14.92 -19.06 -21.77
C VAL A 54 14.05 -20.21 -21.26
N ALA A 55 13.32 -20.04 -20.15
CA ALA A 55 12.45 -21.09 -19.60
C ALA A 55 11.11 -20.47 -19.26
N VAL A 56 10.03 -21.21 -19.47
CA VAL A 56 8.70 -20.76 -19.09
C VAL A 56 8.31 -21.43 -17.76
N LEU A 57 7.73 -20.67 -16.84
CA LEU A 57 7.32 -21.18 -15.54
C LEU A 57 5.91 -20.74 -15.16
N GLY A 58 5.06 -21.71 -14.86
CA GLY A 58 3.63 -21.43 -14.61
C GLY A 58 3.40 -21.45 -13.12
N ALA A 59 2.75 -20.39 -12.61
CA ALA A 59 2.45 -20.27 -11.18
C ALA A 59 1.28 -19.34 -10.96
N ASN A 60 0.39 -19.75 -10.08
CA ASN A 60 -0.66 -18.88 -9.68
C ASN A 60 -0.23 -18.15 -8.43
N LEU A 61 0.03 -16.85 -8.56
CA LEU A 61 0.64 -16.12 -7.45
C LEU A 61 -0.38 -15.82 -6.31
N LEU A 62 -1.65 -16.11 -6.55
CA LEU A 62 -2.68 -16.13 -5.47
C LEU A 62 -2.45 -17.26 -4.47
N GLU A 63 -1.66 -18.27 -4.85
CA GLU A 63 -1.29 -19.42 -3.98
C GLU A 63 0.00 -19.05 -3.22
N ALA A 64 -0.03 -18.91 -1.89
CA ALA A 64 1.16 -18.40 -1.15
C ALA A 64 2.44 -19.16 -1.43
N GLU A 65 2.32 -20.48 -1.44
CA GLU A 65 3.49 -21.31 -1.74
C GLU A 65 3.98 -21.19 -3.19
N ALA A 66 3.11 -20.76 -4.10
CA ALA A 66 3.50 -20.56 -5.51
C ALA A 66 4.51 -19.43 -5.66
N ALA A 67 4.22 -18.26 -5.06
CA ALA A 67 5.16 -17.13 -5.23
C ALA A 67 6.52 -17.39 -4.60
N THR A 68 6.53 -17.98 -3.41
CA THR A 68 7.77 -18.44 -2.76
C THR A 68 8.57 -19.46 -3.61
N ALA A 69 7.89 -20.47 -4.14
CA ALA A 69 8.58 -21.47 -4.97
C ALA A 69 9.15 -20.88 -6.28
N LEU A 70 8.47 -19.87 -6.81
CA LEU A 70 8.77 -19.36 -8.15
C LEU A 70 10.22 -18.89 -8.24
N VAL A 71 10.66 -18.17 -7.23
CA VAL A 71 12.03 -17.65 -7.29
C VAL A 71 13.08 -18.80 -7.33
N HIS A 72 12.88 -19.79 -6.47
CA HIS A 72 13.78 -20.95 -6.44
C HIS A 72 13.70 -21.76 -7.75
N GLN A 73 12.49 -21.98 -8.27
CA GLN A 73 12.38 -22.57 -9.60
C GLN A 73 13.16 -21.78 -10.66
N ALA A 74 12.95 -20.46 -10.68
CA ALA A 74 13.64 -19.61 -11.63
C ALA A 74 15.16 -19.74 -11.49
N ALA A 75 15.66 -19.66 -10.25
CA ALA A 75 17.11 -19.76 -9.98
C ALA A 75 17.65 -21.11 -10.49
N GLU A 76 16.89 -22.17 -10.26
CA GLU A 76 17.31 -23.50 -10.68
C GLU A 76 17.40 -23.59 -12.19
N VAL A 77 16.35 -23.16 -12.87
CA VAL A 77 16.27 -23.28 -14.32
C VAL A 77 17.27 -22.39 -15.01
N LEU A 78 17.69 -21.29 -14.37
CA LEU A 78 18.59 -20.33 -15.02
C LEU A 78 20.05 -20.52 -14.61
N GLY A 79 20.28 -21.27 -13.53
CA GLY A 79 21.63 -21.39 -12.97
C GLY A 79 22.02 -20.21 -12.08
N GLY A 80 21.02 -19.49 -11.57
CA GLY A 80 21.24 -18.35 -10.70
C GLY A 80 20.16 -17.32 -10.94
N LEU A 81 20.13 -16.24 -10.16
CA LEU A 81 19.15 -15.16 -10.37
C LEU A 81 19.67 -13.85 -9.85
N ASP A 82 19.85 -12.87 -10.72
CA ASP A 82 20.36 -11.57 -10.26
C ASP A 82 19.36 -10.42 -10.47
N THR A 83 18.23 -10.74 -11.11
CA THR A 83 17.23 -9.71 -11.51
C THR A 83 15.82 -10.25 -11.30
N LEU A 84 14.96 -9.42 -10.73
CA LEU A 84 13.57 -9.74 -10.54
C LEU A 84 12.75 -8.54 -10.97
N VAL A 85 11.80 -8.78 -11.86
CA VAL A 85 10.84 -7.76 -12.24
C VAL A 85 9.46 -8.27 -11.85
N ASN A 86 8.87 -7.61 -10.86
CA ASN A 86 7.53 -7.93 -10.40
C ASN A 86 6.52 -7.13 -11.21
N ASN A 87 6.08 -7.73 -12.33
CA ASN A 87 5.14 -7.02 -13.23
C ASN A 87 3.67 -7.47 -13.09
N ALA A 88 3.50 -8.74 -12.72
CA ALA A 88 2.17 -9.38 -12.61
C ALA A 88 1.22 -8.63 -11.68
N GLY A 89 -0.06 -8.57 -12.04
CA GLY A 89 -0.98 -7.82 -11.22
C GLY A 89 -2.36 -8.12 -11.80
N ILE A 90 -3.36 -8.03 -10.94
CA ILE A 90 -4.78 -8.27 -11.33
C ILE A 90 -5.66 -7.12 -10.85
N THR A 91 -6.85 -7.00 -11.46
CA THR A 91 -7.80 -6.00 -11.01
C THR A 91 -9.10 -6.70 -10.63
N ARG A 92 -9.84 -6.11 -9.71
CA ARG A 92 -11.24 -6.49 -9.43
C ARG A 92 -11.98 -5.18 -9.13
N ASP A 93 -12.27 -4.45 -10.21
CA ASP A 93 -12.74 -3.09 -10.09
C ASP A 93 -14.19 -3.05 -9.67
N THR A 94 -14.48 -2.25 -8.67
CA THR A 94 -15.83 -2.01 -8.22
C THR A 94 -15.83 -0.76 -7.33
N LEU A 95 -17.00 -0.14 -7.17
CA LEU A 95 -17.12 0.91 -6.19
C LEU A 95 -16.89 0.33 -4.81
N LEU A 96 -16.32 1.14 -3.93
CA LEU A 96 -15.99 0.71 -2.59
C LEU A 96 -17.20 0.05 -1.89
N VAL A 97 -18.38 0.68 -2.01
CA VAL A 97 -19.56 0.23 -1.24
C VAL A 97 -20.13 -1.11 -1.72
N ARG A 98 -19.71 -1.57 -2.90
CA ARG A 98 -20.08 -2.85 -3.50
C ARG A 98 -18.93 -3.87 -3.51
N MET A 99 -17.80 -3.46 -2.96
CA MET A 99 -16.57 -4.29 -3.01
C MET A 99 -16.59 -5.36 -1.92
N LYS A 100 -16.57 -6.63 -2.35
CA LYS A 100 -16.62 -7.79 -1.46
C LYS A 100 -15.26 -8.02 -0.83
N ASP A 101 -15.25 -8.52 0.40
CA ASP A 101 -13.99 -8.97 1.01
C ASP A 101 -13.07 -9.72 0.03
N GLU A 102 -13.62 -10.66 -0.73
CA GLU A 102 -12.79 -11.46 -1.66
C GLU A 102 -12.19 -10.63 -2.80
N ASP A 103 -12.91 -9.61 -3.30
CA ASP A 103 -12.46 -8.71 -4.41
C ASP A 103 -11.27 -7.89 -3.89
N TRP A 104 -11.34 -7.46 -2.64
CA TRP A 104 -10.21 -6.78 -2.03
C TRP A 104 -9.06 -7.75 -1.83
N GLU A 105 -9.36 -8.90 -1.23
CA GLU A 105 -8.26 -9.79 -0.76
C GLU A 105 -7.47 -10.30 -1.96
N ALA A 106 -8.16 -10.62 -3.06
CA ALA A 106 -7.48 -11.18 -4.26
C ALA A 106 -6.46 -10.18 -4.81
N VAL A 107 -6.87 -8.92 -4.87
CA VAL A 107 -6.04 -7.89 -5.48
C VAL A 107 -4.85 -7.60 -4.59
N LEU A 108 -5.05 -7.45 -3.28
CA LEU A 108 -3.90 -7.22 -2.40
C LEU A 108 -2.95 -8.41 -2.41
N GLU A 109 -3.52 -9.62 -2.48
CA GLU A 109 -2.72 -10.85 -2.46
C GLU A 109 -1.79 -10.96 -3.64
N ALA A 110 -2.37 -10.83 -4.82
CA ALA A 110 -1.61 -11.00 -6.06
C ALA A 110 -0.67 -9.83 -6.32
N ASN A 111 -1.13 -8.63 -6.00
CA ASN A 111 -0.36 -7.43 -6.34
C ASN A 111 0.66 -6.96 -5.31
N LEU A 112 0.50 -7.38 -4.07
CA LEU A 112 1.39 -6.87 -3.00
C LEU A 112 2.00 -8.02 -2.19
N SER A 113 1.15 -8.84 -1.56
CA SER A 113 1.67 -9.93 -0.69
C SER A 113 2.53 -10.93 -1.51
N ALA A 114 2.06 -11.27 -2.71
CA ALA A 114 2.84 -12.16 -3.60
C ALA A 114 4.20 -11.53 -3.94
N VAL A 115 4.22 -10.19 -4.11
CA VAL A 115 5.44 -9.48 -4.42
C VAL A 115 6.35 -9.46 -3.21
N PHE A 116 5.88 -9.16 -2.00
CA PHE A 116 6.57 -9.63 -0.77
C PHE A 116 7.23 -10.98 -1.11
N ARG A 117 6.48 -11.96 -1.39
CA ARG A 117 7.07 -13.25 -1.25
C ARG A 117 8.22 -13.39 -2.24
N THR A 118 7.98 -12.98 -3.44
CA THR A 118 9.05 -13.08 -4.44
C THR A 118 10.29 -12.23 -4.05
N THR A 119 10.05 -11.00 -3.58
CA THR A 119 11.15 -10.08 -3.23
C THR A 119 12.01 -10.67 -2.09
N ARG A 120 11.36 -11.18 -1.04
CA ARG A 120 12.09 -11.73 0.09
C ARG A 120 13.01 -12.86 -0.46
N GLU A 121 12.45 -13.77 -1.27
CA GLU A 121 13.27 -14.94 -1.76
C GLU A 121 14.42 -14.50 -2.68
N ALA A 122 14.14 -13.53 -3.53
CA ALA A 122 15.16 -12.99 -4.44
C ALA A 122 16.31 -12.28 -3.67
N VAL A 123 15.95 -11.46 -2.69
CA VAL A 123 16.96 -10.75 -1.88
C VAL A 123 17.93 -11.74 -1.20
N LYS A 124 17.38 -12.84 -0.68
CA LYS A 124 18.21 -13.85 0.00
C LYS A 124 19.32 -14.34 -0.94
N LEU A 125 18.98 -14.61 -2.20
CA LEU A 125 19.97 -15.00 -3.22
C LEU A 125 20.95 -13.88 -3.61
N MET A 126 20.41 -12.72 -3.92
CA MET A 126 21.18 -11.53 -4.27
C MET A 126 22.16 -11.07 -3.18
N MET A 127 21.77 -11.20 -1.92
CA MET A 127 22.61 -10.78 -0.79
C MET A 127 23.97 -11.48 -0.77
N LYS A 128 23.93 -12.75 -1.14
CA LYS A 128 25.11 -13.60 -1.17
C LYS A 128 26.08 -13.21 -2.28
N ALA A 129 25.58 -12.96 -3.50
CA ALA A 129 26.44 -12.42 -4.59
C ALA A 129 26.80 -10.93 -4.49
N ARG A 130 26.12 -10.24 -3.63
CA ARG A 130 26.36 -8.83 -3.46
C ARG A 130 26.11 -7.99 -4.69
N PHE A 131 25.01 -8.43 -5.34
CA PHE A 131 24.49 -7.75 -6.50
C PHE A 131 23.05 -8.17 -6.72
N GLY A 132 22.24 -7.20 -7.10
CA GLY A 132 20.87 -7.51 -7.52
C GLY A 132 20.18 -6.32 -8.11
N ARG A 133 19.16 -6.58 -8.95
CA ARG A 133 18.28 -5.52 -9.50
C ARG A 133 16.85 -5.96 -9.29
N ILE A 134 16.07 -5.18 -8.54
CA ILE A 134 14.65 -5.49 -8.39
C ILE A 134 13.82 -4.30 -8.90
N VAL A 135 12.90 -4.58 -9.83
CA VAL A 135 12.01 -3.51 -10.32
C VAL A 135 10.56 -3.97 -10.15
N ASN A 136 9.78 -3.15 -9.46
CA ASN A 136 8.36 -3.36 -9.29
C ASN A 136 7.55 -2.49 -10.26
N ILE A 137 6.65 -3.12 -11.01
CA ILE A 137 5.82 -2.38 -11.92
C ILE A 137 4.57 -2.00 -11.14
N THR A 138 4.55 -0.74 -10.73
CA THR A 138 3.37 -0.23 -10.04
C THR A 138 2.41 0.40 -11.09
N SER A 139 1.67 1.41 -10.69
CA SER A 139 0.80 2.10 -11.61
C SER A 139 0.74 3.54 -11.12
N VAL A 140 0.67 4.48 -12.04
CA VAL A 140 0.44 5.84 -11.69
C VAL A 140 -0.76 6.01 -10.75
N VAL A 141 -1.75 5.11 -10.81
CA VAL A 141 -2.99 5.30 -10.00
C VAL A 141 -2.70 5.05 -8.51
N GLY A 142 -1.56 4.41 -8.25
CA GLY A 142 -1.05 4.21 -6.89
C GLY A 142 -0.72 5.57 -6.25
N ILE A 143 -0.38 6.56 -7.08
CA ILE A 143 -0.10 7.94 -6.65
C ILE A 143 -1.34 8.79 -6.79
N LEU A 144 -2.01 8.69 -7.95
CA LEU A 144 -3.14 9.57 -8.31
C LEU A 144 -4.43 9.23 -7.55
N GLY A 145 -4.66 7.94 -7.29
CA GLY A 145 -5.87 7.49 -6.59
C GLY A 145 -7.21 7.70 -7.30
N ASN A 146 -7.20 7.63 -8.63
CA ASN A 146 -8.44 7.55 -9.42
C ASN A 146 -9.51 6.54 -8.89
N PRO A 147 -10.80 6.96 -8.83
CA PRO A 147 -11.85 6.14 -8.20
C PRO A 147 -12.18 4.86 -8.95
N GLY A 148 -13.00 4.01 -8.33
CA GLY A 148 -13.46 2.79 -9.00
C GLY A 148 -12.67 1.53 -8.78
N GLN A 149 -11.54 1.68 -8.09
CA GLN A 149 -10.70 0.52 -7.84
C GLN A 149 -9.82 0.77 -6.62
N ALA A 150 -10.42 1.03 -5.47
CA ALA A 150 -9.67 1.38 -4.24
C ALA A 150 -8.74 0.24 -3.84
N ASN A 151 -9.16 -1.00 -4.13
CA ASN A 151 -8.31 -2.18 -3.90
C ASN A 151 -7.02 -2.10 -4.71
N TYR A 152 -7.15 -1.80 -5.99
CA TYR A 152 -6.01 -1.71 -6.86
C TYR A 152 -5.06 -0.57 -6.48
N VAL A 153 -5.64 0.60 -6.22
CA VAL A 153 -4.83 1.74 -5.73
C VAL A 153 -4.06 1.41 -4.43
N ALA A 154 -4.74 0.83 -3.42
CA ALA A 154 -4.04 0.46 -2.16
C ALA A 154 -2.85 -0.46 -2.45
N SER A 155 -3.08 -1.43 -3.34
CA SER A 155 -2.05 -2.44 -3.65
C SER A 155 -0.80 -1.77 -4.28
N LYS A 156 -1.05 -0.84 -5.19
CA LYS A 156 0.04 -0.20 -5.95
C LYS A 156 0.77 0.86 -5.12
N ALA A 157 0.01 1.58 -4.27
CA ALA A 157 0.62 2.53 -3.35
C ALA A 157 1.48 1.75 -2.31
N GLY A 158 0.94 0.65 -1.79
CA GLY A 158 1.69 -0.24 -0.89
C GLY A 158 2.96 -0.75 -1.55
N LEU A 159 2.89 -1.07 -2.84
CA LEU A 159 4.03 -1.57 -3.59
C LEU A 159 5.14 -0.49 -3.66
N ILE A 160 4.72 0.78 -3.78
CA ILE A 160 5.68 1.88 -3.73
C ILE A 160 6.37 2.00 -2.37
N GLY A 161 5.61 2.05 -1.27
CA GLY A 161 6.23 2.10 0.07
C GLY A 161 7.11 0.89 0.23
N PHE A 162 6.59 -0.27 -0.19
CA PHE A 162 7.41 -1.48 -0.09
C PHE A 162 8.77 -1.35 -0.82
N THR A 163 8.75 -0.79 -2.03
CA THR A 163 9.94 -0.60 -2.84
C THR A 163 10.97 0.27 -2.09
N ARG A 164 10.51 1.37 -1.49
CA ARG A 164 11.35 2.29 -0.75
C ARG A 164 11.98 1.59 0.47
N ALA A 165 11.17 0.85 1.24
CA ALA A 165 11.67 0.14 2.45
C ALA A 165 12.76 -0.90 2.14
N VAL A 166 12.54 -1.71 1.11
CA VAL A 166 13.47 -2.78 0.77
C VAL A 166 14.72 -2.11 0.17
N ALA A 167 14.52 -1.06 -0.63
CA ALA A 167 15.66 -0.30 -1.18
C ALA A 167 16.61 0.13 -0.06
N LYS A 168 16.05 0.73 0.98
CA LYS A 168 16.83 1.30 2.07
C LYS A 168 17.47 0.19 2.87
N GLU A 169 16.79 -0.95 2.99
CA GLU A 169 17.25 -2.05 3.85
C GLU A 169 18.40 -2.81 3.21
N TYR A 170 18.49 -2.78 1.87
CA TYR A 170 19.48 -3.62 1.14
C TYR A 170 20.49 -2.82 0.30
N ALA A 171 20.45 -1.48 0.39
CA ALA A 171 21.26 -0.60 -0.50
C ALA A 171 22.75 -0.85 -0.36
N GLN A 172 23.28 -1.25 0.92
CA GLN A 172 24.74 -1.44 1.00
C GLN A 172 25.11 -2.88 0.68
N ARG A 173 24.17 -3.65 0.24
CA ARG A 173 24.48 -4.99 -0.21
C ARG A 173 24.49 -5.17 -1.75
N GLY A 174 24.65 -4.08 -2.48
CA GLY A 174 24.77 -4.10 -3.95
C GLY A 174 23.42 -4.36 -4.66
N ILE A 175 22.32 -4.24 -3.94
CA ILE A 175 21.02 -4.46 -4.55
C ILE A 175 20.31 -3.11 -4.71
N THR A 176 19.77 -2.85 -5.89
CA THR A 176 18.84 -1.74 -6.05
C THR A 176 17.40 -2.24 -6.18
N VAL A 177 16.48 -1.42 -5.68
CA VAL A 177 15.05 -1.74 -5.69
C VAL A 177 14.30 -0.49 -6.09
N ASN A 178 13.71 -0.51 -7.27
CA ASN A 178 13.02 0.64 -7.83
C ASN A 178 11.66 0.20 -8.40
N ALA A 179 10.83 1.19 -8.67
CA ALA A 179 9.51 0.94 -9.24
C ALA A 179 9.41 1.74 -10.55
N VAL A 180 8.64 1.18 -11.47
CA VAL A 180 8.27 1.86 -12.71
C VAL A 180 6.72 1.95 -12.70
N ALA A 181 6.20 3.16 -12.89
CA ALA A 181 4.79 3.43 -12.76
C ALA A 181 4.26 3.80 -14.15
N PRO A 182 3.77 2.79 -14.88
CA PRO A 182 3.10 3.01 -16.16
C PRO A 182 1.86 3.90 -16.00
N GLY A 183 1.66 4.76 -17.00
CA GLY A 183 0.44 5.54 -17.11
C GLY A 183 -0.53 4.62 -17.82
N PHE A 184 -1.17 5.19 -18.82
CA PHE A 184 -2.14 4.48 -19.63
C PHE A 184 -1.42 3.92 -20.85
N ILE A 185 -1.19 2.62 -20.84
CA ILE A 185 -0.45 1.89 -21.86
C ILE A 185 -1.45 1.07 -22.71
N GLU A 186 -1.34 1.22 -24.02
CA GLU A 186 -2.26 0.51 -24.89
C GLU A 186 -1.76 -0.93 -25.06
N THR A 187 -2.62 -1.90 -24.74
CA THR A 187 -2.36 -3.32 -24.96
C THR A 187 -3.58 -3.99 -25.61
N GLU A 188 -3.45 -5.28 -25.93
CA GLU A 188 -4.54 -6.08 -26.45
C GLU A 188 -5.74 -5.98 -25.47
N MET A 189 -5.45 -6.01 -24.18
CA MET A 189 -6.49 -5.97 -23.15
C MET A 189 -7.23 -4.63 -23.02
N THR A 190 -6.49 -3.52 -23.04
CA THR A 190 -7.12 -2.19 -22.96
C THR A 190 -7.89 -1.85 -24.25
N GLU A 191 -7.42 -2.36 -25.38
CA GLU A 191 -8.19 -2.17 -26.62
C GLU A 191 -9.57 -2.84 -26.56
N ARG A 192 -9.70 -3.90 -25.76
CA ARG A 192 -10.98 -4.59 -25.58
C ARG A 192 -12.02 -3.67 -24.93
N LEU A 193 -11.55 -2.61 -24.26
CA LEU A 193 -12.45 -1.71 -23.51
C LEU A 193 -13.36 -0.87 -24.37
N PRO A 194 -14.55 -0.53 -23.84
CA PRO A 194 -15.45 0.37 -24.57
C PRO A 194 -14.74 1.66 -25.02
N GLN A 195 -15.19 2.20 -26.15
CA GLN A 195 -14.66 3.43 -26.72
C GLN A 195 -14.76 4.59 -25.74
N GLU A 196 -15.88 4.64 -25.04
CA GLU A 196 -16.11 5.72 -24.09
C GLU A 196 -15.00 5.74 -23.00
N VAL A 197 -14.65 4.56 -22.49
CA VAL A 197 -13.57 4.43 -21.48
C VAL A 197 -12.23 4.99 -22.00
N LYS A 198 -11.79 4.51 -23.17
CA LYS A 198 -10.55 4.98 -23.83
C LYS A 198 -10.40 6.48 -23.99
N GLU A 199 -11.39 7.12 -24.58
CA GLU A 199 -11.40 8.57 -24.71
C GLU A 199 -11.28 9.33 -23.36
N ALA A 200 -11.94 8.85 -22.29
CA ALA A 200 -11.88 9.53 -20.98
C ALA A 200 -10.46 9.41 -20.37
N TYR A 201 -9.89 8.21 -20.49
CA TYR A 201 -8.50 7.99 -20.10
C TYR A 201 -7.64 8.93 -20.93
N LEU A 202 -7.65 8.72 -22.25
CA LEU A 202 -6.84 9.53 -23.17
C LEU A 202 -6.88 11.03 -22.89
N LYS A 203 -8.05 11.52 -22.51
CA LYS A 203 -8.29 12.94 -22.24
C LYS A 203 -7.37 13.55 -21.14
N GLN A 204 -6.97 12.72 -20.17
CA GLN A 204 -6.18 13.15 -18.98
C GLN A 204 -4.68 13.36 -19.30
N ILE A 205 -4.22 12.84 -20.44
CA ILE A 205 -2.79 12.73 -20.71
C ILE A 205 -2.22 13.94 -21.49
N PRO A 206 -1.31 14.72 -20.87
CA PRO A 206 -0.73 15.89 -21.59
C PRO A 206 -0.17 15.53 -22.99
N ALA A 207 0.59 14.43 -23.09
CA ALA A 207 1.15 14.00 -24.36
C ALA A 207 0.07 13.61 -25.40
N GLY A 208 -1.17 13.43 -24.94
CA GLY A 208 -2.35 13.19 -25.82
C GLY A 208 -2.33 11.87 -26.58
N ARG A 209 -1.56 10.83 -26.01
CA ARG A 209 -1.12 9.54 -26.54
C ARG A 209 -0.89 8.54 -25.39
N PHE A 210 -1.59 7.28 -25.75
CA PHE A 210 -1.29 6.16 -24.88
C PHE A 210 0.17 5.77 -25.01
N GLY A 211 0.75 5.22 -23.94
CA GLY A 211 2.10 4.69 -24.09
C GLY A 211 2.07 3.33 -24.72
N ARG A 212 3.23 2.87 -25.19
CA ARG A 212 3.40 1.53 -25.74
C ARG A 212 4.12 0.67 -24.69
N PRO A 213 3.76 -0.63 -24.61
CA PRO A 213 4.46 -1.50 -23.67
C PRO A 213 5.99 -1.38 -23.81
N GLU A 214 6.47 -1.18 -25.04
CA GLU A 214 7.90 -1.13 -25.29
C GLU A 214 8.54 0.04 -24.52
N GLU A 215 7.76 1.09 -24.31
CA GLU A 215 8.29 2.27 -23.60
C GLU A 215 8.55 2.00 -22.10
N VAL A 216 7.63 1.25 -21.49
CA VAL A 216 7.79 0.82 -20.12
C VAL A 216 9.02 -0.08 -19.99
N ALA A 217 9.17 -1.02 -20.94
CA ALA A 217 10.34 -1.89 -20.97
C ALA A 217 11.64 -1.13 -21.09
N GLU A 218 11.69 -0.05 -21.87
CA GLU A 218 12.94 0.74 -21.95
C GLU A 218 13.35 1.24 -20.58
N ALA A 219 12.39 1.73 -19.79
CA ALA A 219 12.70 2.21 -18.45
C ALA A 219 13.19 1.08 -17.56
N VAL A 220 12.54 -0.07 -17.69
CA VAL A 220 12.96 -1.28 -16.96
C VAL A 220 14.42 -1.68 -17.29
N ALA A 221 14.73 -1.72 -18.58
CA ALA A 221 16.08 -2.07 -19.05
C ALA A 221 17.12 -1.08 -18.50
N PHE A 222 16.72 0.19 -18.35
CA PHE A 222 17.64 1.20 -17.82
C PHE A 222 17.97 0.91 -16.34
N LEU A 223 16.94 0.71 -15.52
CA LEU A 223 17.13 0.44 -14.09
C LEU A 223 17.88 -0.87 -13.75
N VAL A 224 17.70 -1.91 -14.57
CA VAL A 224 18.40 -3.17 -14.28
C VAL A 224 19.85 -3.15 -14.82
N SER A 225 20.23 -2.04 -15.48
CA SER A 225 21.63 -1.88 -15.87
C SER A 225 22.57 -1.91 -14.67
N GLU A 226 23.76 -2.49 -14.88
CA GLU A 226 24.85 -2.29 -13.93
C GLU A 226 25.19 -0.80 -13.79
N LYS A 227 24.88 -0.01 -14.82
CA LYS A 227 25.21 1.40 -14.84
C LYS A 227 24.25 2.26 -14.00
N ALA A 228 23.21 1.62 -13.46
CA ALA A 228 22.18 2.31 -12.68
C ALA A 228 22.37 2.00 -11.21
N GLY A 229 23.61 1.74 -10.80
CA GLY A 229 23.86 1.31 -9.43
C GLY A 229 23.54 2.30 -8.30
N TYR A 230 23.53 3.61 -8.61
CA TYR A 230 23.26 4.64 -7.58
C TYR A 230 21.83 5.08 -7.59
N ILE A 231 21.00 4.37 -8.34
CA ILE A 231 19.56 4.66 -8.37
C ILE A 231 18.84 3.57 -7.58
N THR A 232 18.22 3.95 -6.48
CA THR A 232 17.47 2.97 -5.68
C THR A 232 16.43 3.70 -4.82
N GLY A 233 15.34 3.00 -4.55
CA GLY A 233 14.24 3.55 -3.78
C GLY A 233 13.34 4.48 -4.60
N GLN A 234 13.55 4.52 -5.92
CA GLN A 234 12.85 5.53 -6.76
C GLN A 234 11.66 4.95 -7.55
N THR A 235 10.70 5.83 -7.87
CA THR A 235 9.53 5.48 -8.68
C THR A 235 9.60 6.37 -9.91
N LEU A 236 9.73 5.74 -11.06
CA LEU A 236 9.86 6.45 -12.32
C LEU A 236 8.56 6.27 -13.11
N CYS A 237 7.86 7.40 -13.32
CA CYS A 237 6.55 7.35 -14.02
C CYS A 237 6.76 7.38 -15.55
N VAL A 238 6.09 6.49 -16.29
CA VAL A 238 6.19 6.45 -17.76
C VAL A 238 4.75 6.63 -18.25
N ASP A 239 4.35 7.89 -18.39
CA ASP A 239 2.94 8.26 -18.40
C ASP A 239 2.57 9.50 -19.23
N GLY A 240 3.47 10.00 -20.07
CA GLY A 240 3.16 11.13 -20.94
C GLY A 240 2.80 12.41 -20.21
N GLY A 241 3.24 12.53 -18.94
CA GLY A 241 3.07 13.78 -18.17
C GLY A 241 1.90 13.80 -17.20
N LEU A 242 1.27 12.66 -17.02
CA LEU A 242 0.10 12.56 -16.21
C LEU A 242 0.33 12.84 -14.69
N THR A 243 1.42 12.33 -14.13
CA THR A 243 1.63 12.35 -12.67
C THR A 243 2.64 13.42 -12.27
N PRO A 244 2.31 14.25 -11.26
CA PRO A 244 3.25 15.28 -10.82
C PRO A 244 4.35 14.67 -9.93
N HIS A 245 5.33 13.99 -10.53
CA HIS A 245 6.35 13.26 -9.74
C HIS A 245 7.83 13.65 -10.07
N ARG B 2 -22.68 14.97 16.85
CA ARG B 2 -21.58 14.19 16.20
C ARG B 2 -21.28 12.83 16.86
N LYS B 3 -21.03 11.83 16.02
CA LYS B 3 -20.89 10.44 16.45
C LYS B 3 -19.71 9.83 15.75
N ALA B 4 -18.70 9.42 16.51
CA ALA B 4 -17.43 8.97 15.96
C ALA B 4 -17.06 7.57 16.48
N LEU B 5 -16.54 6.72 15.60
CA LEU B 5 -15.88 5.48 15.97
C LEU B 5 -14.38 5.69 15.85
N ILE B 6 -13.67 5.49 16.96
CA ILE B 6 -12.21 5.59 16.96
C ILE B 6 -11.62 4.18 17.22
N THR B 7 -10.84 3.66 16.27
CA THR B 7 -10.22 2.35 16.48
C THR B 7 -8.98 2.42 17.31
N GLY B 8 -8.74 1.42 18.14
CA GLY B 8 -7.54 1.38 18.97
C GLY B 8 -7.44 2.59 19.89
N ALA B 9 -8.55 2.88 20.53
CA ALA B 9 -8.65 4.12 21.31
C ALA B 9 -8.43 4.00 22.84
N SER B 10 -7.84 2.90 23.29
CA SER B 10 -7.65 2.63 24.72
C SER B 10 -6.34 3.21 25.26
N ARG B 11 -5.48 3.70 24.39
CA ARG B 11 -4.16 4.16 24.80
C ARG B 11 -3.57 5.05 23.73
N GLY B 12 -2.48 5.72 24.09
CA GLY B 12 -1.71 6.59 23.16
C GLY B 12 -2.47 7.59 22.28
N ILE B 13 -2.13 7.62 21.00
CA ILE B 13 -2.76 8.51 20.01
C ILE B 13 -4.29 8.33 19.91
N GLY B 14 -4.76 7.09 19.88
CA GLY B 14 -6.21 6.82 19.82
C GLY B 14 -6.96 7.40 21.00
N ARG B 15 -6.38 7.18 22.18
CA ARG B 15 -6.95 7.72 23.42
C ARG B 15 -6.96 9.27 23.38
N ALA B 16 -5.86 9.85 22.91
CA ALA B 16 -5.79 11.31 22.80
C ALA B 16 -6.85 11.87 21.84
N ILE B 17 -7.05 11.19 20.71
CA ILE B 17 -8.09 11.57 19.72
C ILE B 17 -9.47 11.49 20.35
N ALA B 18 -9.78 10.41 21.07
CA ALA B 18 -11.06 10.30 21.74
C ALA B 18 -11.28 11.42 22.77
N LEU B 19 -10.27 11.69 23.59
CA LEU B 19 -10.44 12.70 24.63
C LEU B 19 -10.55 14.08 23.98
N ARG B 20 -9.77 14.33 22.92
CA ARG B 20 -9.87 15.62 22.24
C ARG B 20 -11.26 15.79 21.57
N LEU B 21 -11.77 14.72 20.98
CA LEU B 21 -13.10 14.84 20.38
C LEU B 21 -14.22 14.99 21.44
N ALA B 22 -14.01 14.34 22.59
CA ALA B 22 -14.85 14.50 23.78
C ALA B 22 -15.05 15.99 24.14
N GLU B 23 -13.97 16.77 24.06
CA GLU B 23 -13.99 18.22 24.32
C GLU B 23 -14.82 19.07 23.32
N ASP B 24 -15.11 18.49 22.15
CA ASP B 24 -15.99 19.10 21.15
C ASP B 24 -17.42 18.57 21.29
N GLY B 25 -17.65 17.76 22.30
CA GLY B 25 -18.94 17.17 22.56
C GLY B 25 -19.39 16.08 21.60
N PHE B 26 -18.43 15.38 20.99
CA PHE B 26 -18.75 14.22 20.16
C PHE B 26 -19.24 13.05 21.04
N ALA B 27 -20.25 12.33 20.58
CA ALA B 27 -20.57 10.97 21.13
C ALA B 27 -19.52 10.04 20.56
N LEU B 28 -19.05 9.07 21.33
CA LEU B 28 -17.86 8.31 20.95
C LEU B 28 -18.01 6.80 21.16
N ALA B 29 -17.60 6.04 20.17
CA ALA B 29 -17.40 4.58 20.31
C ALA B 29 -15.90 4.34 20.43
N ILE B 30 -15.51 3.84 21.58
CA ILE B 30 -14.11 3.62 21.93
C ILE B 30 -13.82 2.15 21.66
N HIS B 31 -13.13 1.89 20.55
CA HIS B 31 -12.77 0.51 20.21
C HIS B 31 -11.45 0.11 20.89
N TYR B 32 -11.38 -1.16 21.31
CA TYR B 32 -10.16 -1.74 21.82
C TYR B 32 -10.07 -3.22 21.32
N GLY B 33 -8.86 -3.73 21.22
CA GLY B 33 -8.61 -5.12 20.88
C GLY B 33 -8.74 -6.01 22.10
N GLN B 34 -7.84 -5.85 23.08
CA GLN B 34 -7.85 -6.73 24.26
C GLN B 34 -8.07 -6.07 25.62
N ASN B 35 -7.49 -4.89 25.83
CA ASN B 35 -7.51 -4.32 27.18
C ASN B 35 -8.75 -3.49 27.42
N ARG B 36 -9.83 -4.19 27.78
CA ARG B 36 -11.12 -3.58 28.05
C ARG B 36 -11.10 -2.54 29.17
N GLU B 37 -10.43 -2.84 30.27
CA GLU B 37 -10.37 -1.94 31.44
C GLU B 37 -9.79 -0.56 31.05
N LYS B 38 -8.69 -0.57 30.31
CA LYS B 38 -8.07 0.67 29.82
C LYS B 38 -9.01 1.46 28.90
N ALA B 39 -9.76 0.74 28.08
CA ALA B 39 -10.79 1.37 27.27
C ALA B 39 -11.89 2.01 28.13
N GLU B 40 -12.26 1.37 29.24
CA GLU B 40 -13.28 1.93 30.14
C GLU B 40 -12.80 3.20 30.84
N GLU B 41 -11.52 3.21 31.23
CA GLU B 41 -10.88 4.36 31.83
C GLU B 41 -10.91 5.57 30.88
N VAL B 42 -10.56 5.33 29.60
CA VAL B 42 -10.65 6.37 28.55
C VAL B 42 -12.11 6.82 28.43
N ALA B 43 -13.03 5.86 28.40
CA ALA B 43 -14.44 6.16 28.22
C ALA B 43 -14.93 7.01 29.37
N GLU B 44 -14.39 6.76 30.56
CA GLU B 44 -14.76 7.53 31.77
C GLU B 44 -14.27 8.98 31.66
N GLU B 45 -13.04 9.14 31.18
CA GLU B 45 -12.43 10.45 31.05
C GLU B 45 -13.11 11.28 29.94
N ALA B 46 -13.50 10.63 28.85
CA ALA B 46 -14.25 11.28 27.77
C ALA B 46 -15.59 11.85 28.28
N ARG B 47 -16.33 11.06 29.07
CA ARG B 47 -17.58 11.54 29.71
C ARG B 47 -17.30 12.80 30.54
N ARG B 48 -16.28 12.71 31.40
CA ARG B 48 -15.82 13.83 32.25
C ARG B 48 -15.36 15.06 31.48
N ARG B 49 -15.00 14.91 30.20
CA ARG B 49 -14.57 16.03 29.38
C ARG B 49 -15.70 16.56 28.51
N GLY B 50 -16.85 15.89 28.55
CA GLY B 50 -18.02 16.47 27.91
C GLY B 50 -18.71 15.67 26.84
N SER B 51 -18.34 14.41 26.68
CA SER B 51 -19.01 13.56 25.70
C SER B 51 -20.32 13.11 26.28
N PRO B 52 -21.42 13.39 25.56
CA PRO B 52 -22.76 13.05 26.02
C PRO B 52 -23.12 11.56 25.93
N LEU B 53 -22.30 10.79 25.20
CA LEU B 53 -22.58 9.37 25.05
C LEU B 53 -21.31 8.68 24.65
N VAL B 54 -20.81 7.79 25.52
CA VAL B 54 -19.59 7.05 25.27
C VAL B 54 -19.87 5.57 25.42
N ALA B 55 -19.40 4.75 24.48
CA ALA B 55 -19.51 3.28 24.61
C ALA B 55 -18.19 2.65 24.22
N VAL B 56 -17.83 1.54 24.89
CA VAL B 56 -16.62 0.80 24.53
C VAL B 56 -16.98 -0.49 23.74
N LEU B 57 -16.14 -0.83 22.77
CA LEU B 57 -16.39 -1.94 21.83
C LEU B 57 -15.12 -2.76 21.64
N GLY B 58 -15.17 -4.03 22.04
CA GLY B 58 -14.04 -4.97 21.86
C GLY B 58 -14.20 -5.70 20.56
N ALA B 59 -13.18 -5.65 19.72
CA ALA B 59 -13.12 -6.40 18.46
C ALA B 59 -11.68 -6.65 18.08
N ASN B 60 -11.38 -7.88 17.68
CA ASN B 60 -10.06 -8.20 17.19
C ASN B 60 -10.07 -8.01 15.68
N LEU B 61 -9.48 -6.90 15.24
CA LEU B 61 -9.53 -6.50 13.85
C LEU B 61 -8.79 -7.46 12.89
N LEU B 62 -8.09 -8.42 13.47
CA LEU B 62 -7.56 -9.55 12.66
C LEU B 62 -8.61 -10.55 12.19
N GLU B 63 -9.80 -10.50 12.80
CA GLU B 63 -10.94 -11.33 12.35
C GLU B 63 -11.75 -10.53 11.30
N ALA B 64 -11.89 -10.98 10.03
CA ALA B 64 -12.61 -10.15 8.99
C ALA B 64 -14.05 -9.71 9.35
N GLU B 65 -14.77 -10.63 9.99
CA GLU B 65 -16.13 -10.28 10.35
C GLU B 65 -16.20 -9.25 11.50
N ALA B 66 -15.14 -9.14 12.26
CA ALA B 66 -15.04 -8.24 13.40
C ALA B 66 -14.97 -6.80 12.91
N ALA B 67 -14.12 -6.53 11.91
CA ALA B 67 -14.02 -5.16 11.35
C ALA B 67 -15.33 -4.69 10.79
N THR B 68 -15.94 -5.54 9.96
CA THR B 68 -17.24 -5.26 9.37
C THR B 68 -18.31 -5.00 10.45
N ALA B 69 -18.42 -5.89 11.44
CA ALA B 69 -19.45 -5.78 12.46
C ALA B 69 -19.26 -4.53 13.31
N LEU B 70 -18.00 -4.13 13.50
CA LEU B 70 -17.65 -3.05 14.41
C LEU B 70 -18.34 -1.74 14.06
N VAL B 71 -18.37 -1.39 12.76
CA VAL B 71 -19.04 -0.17 12.35
C VAL B 71 -20.54 -0.24 12.63
N HIS B 72 -21.12 -1.40 12.39
CA HIS B 72 -22.57 -1.58 12.68
C HIS B 72 -22.93 -1.53 14.16
N GLN B 73 -22.09 -2.18 14.97
CA GLN B 73 -22.19 -2.06 16.42
C GLN B 73 -22.09 -0.59 16.88
N ALA B 74 -21.07 0.12 16.41
CA ALA B 74 -20.89 1.52 16.80
C ALA B 74 -22.12 2.42 16.44
N ALA B 75 -22.61 2.26 15.22
CA ALA B 75 -23.77 3.01 14.78
C ALA B 75 -24.99 2.73 15.65
N GLU B 76 -25.15 1.45 16.04
CA GLU B 76 -26.26 1.03 16.90
C GLU B 76 -26.21 1.61 18.31
N VAL B 77 -25.03 1.62 18.91
CA VAL B 77 -24.81 2.13 20.26
C VAL B 77 -24.88 3.67 20.35
N LEU B 78 -24.45 4.35 19.29
CA LEU B 78 -24.40 5.79 19.25
C LEU B 78 -25.68 6.40 18.68
N GLY B 79 -26.42 5.63 17.91
CA GLY B 79 -27.60 6.12 17.25
C GLY B 79 -27.30 6.70 15.87
N GLY B 80 -26.23 6.22 15.26
CA GLY B 80 -25.81 6.70 13.93
C GLY B 80 -24.29 6.79 13.91
N LEU B 81 -23.71 7.20 12.78
CA LEU B 81 -22.25 7.37 12.75
C LEU B 81 -21.83 8.26 11.61
N ASP B 82 -21.17 9.36 11.92
CA ASP B 82 -20.79 10.28 10.84
C ASP B 82 -19.27 10.43 10.72
N THR B 83 -18.54 9.96 11.73
CA THR B 83 -17.08 10.05 11.77
C THR B 83 -16.45 8.65 12.07
N LEU B 84 -15.35 8.35 11.35
CA LEU B 84 -14.54 7.14 11.56
C LEU B 84 -13.07 7.56 11.61
N VAL B 85 -12.36 7.17 12.67
CA VAL B 85 -10.94 7.45 12.81
C VAL B 85 -10.27 6.08 12.86
N ASN B 86 -9.64 5.71 11.75
CA ASN B 86 -8.90 4.42 11.69
C ASN B 86 -7.51 4.63 12.26
N ASN B 87 -7.38 4.41 13.57
CA ASN B 87 -6.10 4.60 14.25
C ASN B 87 -5.37 3.30 14.62
N ALA B 88 -6.14 2.25 14.93
CA ALA B 88 -5.54 0.97 15.36
C ALA B 88 -4.47 0.47 14.36
N GLY B 89 -3.37 -0.03 14.89
CA GLY B 89 -2.31 -0.56 14.04
C GLY B 89 -1.37 -1.40 14.87
N ILE B 90 -0.74 -2.36 14.19
CA ILE B 90 0.19 -3.29 14.81
C ILE B 90 1.47 -3.32 14.02
N THR B 91 2.54 -3.77 14.67
CA THR B 91 3.83 -3.92 13.98
C THR B 91 4.31 -5.35 14.22
N ARG B 92 5.04 -5.93 13.26
CA ARG B 92 5.76 -7.18 13.48
C ARG B 92 7.10 -6.96 12.80
N ASP B 93 7.98 -6.22 13.49
CA ASP B 93 9.21 -5.73 12.90
C ASP B 93 10.23 -6.84 12.73
N THR B 94 10.89 -6.83 11.60
CA THR B 94 11.98 -7.79 11.37
C THR B 94 12.55 -7.51 10.01
N LEU B 95 13.83 -7.87 9.79
CA LEU B 95 14.39 -7.85 8.43
C LEU B 95 13.56 -8.70 7.45
N LEU B 96 13.42 -8.18 6.25
CA LEU B 96 12.69 -8.84 5.17
C LEU B 96 13.11 -10.29 5.03
N VAL B 97 14.41 -10.54 5.03
CA VAL B 97 14.92 -11.90 4.77
C VAL B 97 14.57 -12.89 5.89
N ARG B 98 14.14 -12.37 7.03
CA ARG B 98 13.71 -13.20 8.15
C ARG B 98 12.19 -13.12 8.38
N MET B 99 11.49 -12.40 7.50
CA MET B 99 10.09 -12.11 7.71
C MET B 99 9.22 -13.26 7.23
N LYS B 100 8.59 -13.95 8.19
CA LYS B 100 7.69 -15.04 7.90
C LYS B 100 6.39 -14.56 7.22
N ASP B 101 5.81 -15.40 6.35
CA ASP B 101 4.52 -15.07 5.71
C ASP B 101 3.50 -14.53 6.73
N GLU B 102 3.45 -15.14 7.91
CA GLU B 102 2.42 -14.81 8.91
C GLU B 102 2.60 -13.41 9.44
N ASP B 103 3.83 -12.99 9.60
CA ASP B 103 4.14 -11.67 10.14
C ASP B 103 3.91 -10.56 9.11
N TRP B 104 4.06 -10.90 7.84
CA TRP B 104 3.61 -9.97 6.79
C TRP B 104 2.07 -9.87 6.82
N GLU B 105 1.41 -11.01 6.80
CA GLU B 105 -0.03 -11.06 6.62
C GLU B 105 -0.78 -10.37 7.77
N ALA B 106 -0.34 -10.60 9.00
CA ALA B 106 -0.99 -9.97 10.17
C ALA B 106 -0.96 -8.44 10.10
N VAL B 107 0.17 -7.89 9.67
CA VAL B 107 0.32 -6.44 9.66
C VAL B 107 -0.50 -5.85 8.53
N LEU B 108 -0.42 -6.47 7.35
CA LEU B 108 -1.31 -6.05 6.28
C LEU B 108 -2.77 -6.17 6.64
N GLU B 109 -3.17 -7.26 7.29
CA GLU B 109 -4.55 -7.44 7.71
C GLU B 109 -5.09 -6.39 8.64
N ALA B 110 -4.40 -6.17 9.76
CA ALA B 110 -4.87 -5.25 10.78
C ALA B 110 -4.78 -3.78 10.32
N ASN B 111 -3.72 -3.44 9.60
CA ASN B 111 -3.44 -2.06 9.27
C ASN B 111 -4.06 -1.56 7.97
N LEU B 112 -4.39 -2.49 7.08
CA LEU B 112 -4.87 -2.09 5.74
C LEU B 112 -6.17 -2.77 5.39
N SER B 113 -6.21 -4.10 5.41
CA SER B 113 -7.44 -4.81 5.01
C SER B 113 -8.55 -4.53 5.99
N ALA B 114 -8.24 -4.48 7.28
CA ALA B 114 -9.27 -4.16 8.28
C ALA B 114 -9.83 -2.75 8.11
N VAL B 115 -8.96 -1.85 7.69
CA VAL B 115 -9.32 -0.47 7.44
C VAL B 115 -10.18 -0.38 6.19
N PHE B 116 -9.88 -1.21 5.20
CA PHE B 116 -10.73 -1.30 4.04
C PHE B 116 -12.16 -1.64 4.47
N ARG B 117 -12.29 -2.65 5.32
CA ARG B 117 -13.63 -3.13 5.72
C ARG B 117 -14.41 -2.10 6.58
N THR B 118 -13.75 -1.47 7.54
CA THR B 118 -14.35 -0.42 8.36
C THR B 118 -14.77 0.76 7.50
N THR B 119 -13.89 1.20 6.60
CA THR B 119 -14.19 2.36 5.78
C THR B 119 -15.37 2.04 4.84
N ARG B 120 -15.36 0.84 4.27
CA ARG B 120 -16.47 0.40 3.39
C ARG B 120 -17.82 0.53 4.11
N GLU B 121 -17.89 -0.03 5.33
CA GLU B 121 -19.13 -0.01 6.11
C GLU B 121 -19.58 1.41 6.49
N ALA B 122 -18.61 2.23 6.90
CA ALA B 122 -18.88 3.63 7.26
C ALA B 122 -19.40 4.47 6.10
N VAL B 123 -18.78 4.35 4.93
CA VAL B 123 -19.17 5.17 3.79
C VAL B 123 -20.63 4.84 3.44
N LYS B 124 -21.01 3.56 3.48
CA LYS B 124 -22.42 3.22 3.27
C LYS B 124 -23.40 4.05 4.12
N LEU B 125 -23.10 4.19 5.40
CA LEU B 125 -23.91 4.94 6.35
C LEU B 125 -23.82 6.44 6.13
N MET B 126 -22.61 6.93 5.86
CA MET B 126 -22.39 8.36 5.56
C MET B 126 -23.05 8.80 4.24
N MET B 127 -23.04 7.91 3.40
CA MET B 127 -23.48 8.33 2.07
C MET B 127 -25.00 8.39 2.00
N LYS B 128 -25.73 7.82 2.93
CA LYS B 128 -27.17 7.98 3.21
C LYS B 128 -27.49 9.37 3.76
N ALA B 129 -26.70 9.80 4.75
CA ALA B 129 -26.78 11.13 5.35
C ALA B 129 -26.12 12.23 4.51
N ARG B 130 -25.34 11.83 3.50
CA ARG B 130 -24.64 12.79 2.67
C ARG B 130 -23.69 13.68 3.50
N PHE B 131 -23.06 13.08 4.50
CA PHE B 131 -22.08 13.76 5.31
C PHE B 131 -21.18 12.71 5.96
N GLY B 132 -19.88 12.99 5.95
CA GLY B 132 -18.96 12.09 6.66
C GLY B 132 -17.57 12.64 6.79
N ARG B 133 -16.86 12.15 7.80
CA ARG B 133 -15.45 12.42 7.99
C ARG B 133 -14.71 11.12 8.29
N ILE B 134 -13.69 10.82 7.48
CA ILE B 134 -12.85 9.66 7.73
C ILE B 134 -11.42 10.18 7.84
N VAL B 135 -10.74 9.82 8.91
CA VAL B 135 -9.31 10.17 9.00
C VAL B 135 -8.54 8.89 9.26
N ASN B 136 -7.61 8.58 8.37
CA ASN B 136 -6.70 7.47 8.56
C ASN B 136 -5.40 7.88 9.26
N ILE B 137 -5.07 7.19 10.36
CA ILE B 137 -3.84 7.52 11.04
C ILE B 137 -2.77 6.65 10.39
N THR B 138 -2.14 7.24 9.61
CA THR B 138 -1.11 6.50 8.91
C THR B 138 0.20 6.66 9.64
N SER B 139 1.54 6.76 9.28
CA SER B 139 2.82 7.04 9.97
C SER B 139 3.73 7.59 8.87
N VAL B 140 4.65 8.48 9.27
CA VAL B 140 5.57 9.09 8.35
C VAL B 140 6.37 8.00 7.65
N VAL B 141 6.49 6.81 8.26
CA VAL B 141 7.35 5.78 7.66
C VAL B 141 6.74 5.22 6.36
N GLY B 142 5.43 5.41 6.18
CA GLY B 142 4.77 5.09 4.90
C GLY B 142 5.28 5.92 3.74
N ILE B 143 5.91 7.06 4.05
CA ILE B 143 6.55 7.91 3.08
C ILE B 143 8.06 7.69 3.02
N LEU B 144 8.70 7.74 4.21
CA LEU B 144 10.15 7.64 4.31
C LEU B 144 10.68 6.27 3.98
N GLY B 145 9.92 5.21 4.29
CA GLY B 145 10.37 3.81 4.11
C GLY B 145 11.65 3.37 4.83
N ASN B 146 11.89 3.90 6.01
CA ASN B 146 12.94 3.41 6.90
C ASN B 146 12.91 1.87 7.11
N PRO B 147 14.10 1.22 7.16
CA PRO B 147 14.28 -0.24 7.19
C PRO B 147 13.77 -0.98 8.44
N ALA B 150 9.32 -3.74 6.68
CA ALA B 150 8.82 -3.51 5.28
C ALA B 150 7.32 -3.78 5.18
N ASN B 151 6.84 -4.64 6.07
CA ASN B 151 5.42 -4.97 6.21
C ASN B 151 4.64 -3.75 6.69
N TYR B 152 5.17 -3.11 7.73
CA TYR B 152 4.50 -1.95 8.30
C TYR B 152 4.48 -0.81 7.30
N VAL B 153 5.63 -0.57 6.68
CA VAL B 153 5.72 0.53 5.67
C VAL B 153 4.74 0.28 4.51
N ALA B 154 4.73 -0.95 3.97
CA ALA B 154 3.79 -1.31 2.88
C ALA B 154 2.35 -1.00 3.29
N SER B 155 2.02 -1.34 4.54
CA SER B 155 0.64 -1.16 5.02
C SER B 155 0.24 0.30 5.10
N LYS B 156 1.17 1.12 5.54
CA LYS B 156 0.92 2.56 5.74
C LYS B 156 0.95 3.36 4.45
N ALA B 157 1.86 3.00 3.53
CA ALA B 157 1.87 3.55 2.18
C ALA B 157 0.54 3.18 1.49
N GLY B 158 0.10 1.92 1.67
CA GLY B 158 -1.15 1.41 1.03
C GLY B 158 -2.33 2.23 1.59
N LEU B 159 -2.25 2.54 2.88
CA LEU B 159 -3.26 3.34 3.54
C LEU B 159 -3.36 4.79 2.99
N ILE B 160 -2.21 5.40 2.66
CA ILE B 160 -2.16 6.67 1.98
C ILE B 160 -2.82 6.57 0.58
N GLY B 161 -2.44 5.54 -0.18
CA GLY B 161 -3.09 5.35 -1.50
C GLY B 161 -4.62 5.23 -1.34
N PHE B 162 -5.03 4.35 -0.43
CA PHE B 162 -6.45 4.08 -0.14
C PHE B 162 -7.21 5.37 0.27
N THR B 163 -6.62 6.17 1.13
CA THR B 163 -7.15 7.50 1.48
C THR B 163 -7.46 8.37 0.23
N ARG B 164 -6.52 8.45 -0.70
CA ARG B 164 -6.62 9.30 -1.89
C ARG B 164 -7.74 8.73 -2.79
N ALA B 165 -7.74 7.40 -2.93
CA ALA B 165 -8.75 6.69 -3.77
C ALA B 165 -10.19 6.91 -3.28
N VAL B 166 -10.39 6.66 -1.99
CA VAL B 166 -11.71 6.82 -1.38
C VAL B 166 -12.16 8.29 -1.32
N ALA B 167 -11.20 9.20 -1.11
CA ALA B 167 -11.51 10.64 -1.17
C ALA B 167 -12.10 11.02 -2.49
N LYS B 168 -11.48 10.55 -3.56
CA LYS B 168 -11.90 10.96 -4.91
C LYS B 168 -13.23 10.31 -5.25
N GLU B 169 -13.42 9.07 -4.80
CA GLU B 169 -14.66 8.36 -5.05
C GLU B 169 -15.92 8.97 -4.36
N TYR B 170 -15.77 9.53 -3.16
CA TYR B 170 -16.90 10.09 -2.41
C TYR B 170 -16.90 11.63 -2.23
N ALA B 171 -16.05 12.32 -3.01
CA ALA B 171 -15.85 13.76 -2.90
C ALA B 171 -17.11 14.59 -3.12
N GLN B 172 -18.00 14.15 -3.99
CA GLN B 172 -19.26 14.91 -4.21
C GLN B 172 -20.41 14.42 -3.32
N ARG B 173 -20.12 13.57 -2.33
CA ARG B 173 -21.15 13.10 -1.38
C ARG B 173 -21.02 13.68 0.03
N GLY B 174 -20.27 14.78 0.17
CA GLY B 174 -20.18 15.50 1.44
C GLY B 174 -19.42 14.68 2.46
N ILE B 175 -18.57 13.78 1.97
CA ILE B 175 -17.69 13.00 2.80
C ILE B 175 -16.25 13.38 2.44
N THR B 176 -15.41 13.58 3.46
CA THR B 176 -14.00 13.78 3.24
C THR B 176 -13.19 12.64 3.86
N VAL B 177 -12.04 12.37 3.25
CA VAL B 177 -11.20 11.24 3.62
C VAL B 177 -9.76 11.73 3.57
N ASN B 178 -9.13 11.78 4.73
CA ASN B 178 -7.76 12.33 4.89
C ASN B 178 -6.93 11.44 5.77
N ALA B 179 -5.62 11.63 5.69
CA ALA B 179 -4.71 10.90 6.55
C ALA B 179 -3.89 11.86 7.41
N VAL B 180 -3.64 11.44 8.64
CA VAL B 180 -2.68 12.12 9.51
C VAL B 180 -1.48 11.18 9.74
N ILE B 185 7.56 10.77 15.11
CA ILE B 185 7.97 10.15 16.38
C ILE B 185 7.17 10.74 17.57
N GLU B 186 6.17 10.02 18.09
CA GLU B 186 5.31 10.51 19.20
C GLU B 186 5.59 9.79 20.52
N THR B 187 5.56 10.55 21.61
CA THR B 187 5.65 9.98 22.96
C THR B 187 4.40 9.17 23.36
N GLU B 188 4.52 7.86 23.19
CA GLU B 188 3.52 6.83 23.60
C GLU B 188 4.31 5.78 24.39
N MET B 189 3.93 4.50 24.24
CA MET B 189 4.82 3.37 24.52
C MET B 189 6.29 3.49 24.04
N THR B 190 6.52 4.40 23.10
CA THR B 190 7.86 4.89 22.76
C THR B 190 8.77 5.25 23.93
N GLU B 191 8.19 5.49 25.09
CA GLU B 191 8.99 5.82 26.27
C GLU B 191 9.63 4.56 26.83
N ARG B 192 9.07 3.41 26.43
CA ARG B 192 9.52 2.09 26.82
C ARG B 192 10.81 1.70 26.14
N LEU B 193 11.14 2.34 25.04
CA LEU B 193 12.35 2.06 24.24
C LEU B 193 13.66 2.45 24.92
N PRO B 194 14.78 1.73 24.57
CA PRO B 194 16.08 2.05 25.14
C PRO B 194 16.43 3.52 24.90
N GLN B 195 17.06 4.14 25.90
CA GLN B 195 17.46 5.53 25.77
C GLN B 195 18.30 5.80 24.54
N GLU B 196 19.08 4.81 24.10
CA GLU B 196 19.94 5.01 22.94
C GLU B 196 19.20 5.05 21.62
N VAL B 197 18.09 4.32 21.56
CA VAL B 197 17.22 4.34 20.39
C VAL B 197 16.51 5.70 20.27
N LYS B 198 15.97 6.19 21.40
CA LYS B 198 15.24 7.46 21.47
C LYS B 198 16.09 8.63 21.03
N GLU B 199 17.33 8.67 21.54
CA GLU B 199 18.26 9.75 21.24
C GLU B 199 18.66 9.82 19.79
N ALA B 200 18.70 8.65 19.12
CA ALA B 200 19.01 8.57 17.71
C ALA B 200 17.85 9.08 16.85
N TYR B 201 16.62 8.78 17.28
CA TYR B 201 15.42 9.36 16.64
C TYR B 201 15.42 10.89 16.77
N LEU B 202 15.76 11.38 17.95
CA LEU B 202 15.71 12.80 18.27
C LEU B 202 16.64 13.64 17.41
N LYS B 203 17.82 13.10 17.12
CA LYS B 203 18.80 13.77 16.26
C LYS B 203 18.31 13.95 14.80
N GLN B 204 17.34 13.12 14.40
CA GLN B 204 16.75 13.17 13.05
C GLN B 204 15.63 14.21 12.96
N ILE B 205 15.05 14.57 14.12
CA ILE B 205 13.91 15.47 14.17
C ILE B 205 14.40 16.93 14.27
N PRO B 206 14.15 17.75 13.22
CA PRO B 206 14.58 19.13 13.27
C PRO B 206 14.12 19.86 14.53
N ALA B 207 12.88 19.63 14.96
CA ALA B 207 12.34 20.25 16.17
C ALA B 207 13.03 19.78 17.45
N GLY B 208 13.74 18.65 17.34
CA GLY B 208 14.57 18.16 18.44
C GLY B 208 13.83 17.67 19.66
N ARG B 209 12.56 17.29 19.46
CA ARG B 209 11.70 16.78 20.54
C ARG B 209 10.70 15.84 19.93
N PHE B 210 10.25 14.86 20.71
CA PHE B 210 9.13 13.99 20.25
C PHE B 210 7.81 14.77 20.31
N GLY B 211 6.86 14.36 19.47
CA GLY B 211 5.54 14.95 19.52
C GLY B 211 4.75 14.38 20.70
N ARG B 212 3.67 15.04 21.06
CA ARG B 212 2.72 14.53 22.05
C ARG B 212 1.45 14.00 21.39
N PRO B 213 0.85 12.92 21.98
CA PRO B 213 -0.36 12.42 21.37
C PRO B 213 -1.42 13.52 21.13
N GLU B 214 -1.56 14.45 22.06
CA GLU B 214 -2.55 15.52 21.94
C GLU B 214 -2.33 16.38 20.70
N GLU B 215 -1.06 16.48 20.23
CA GLU B 215 -0.77 17.26 19.02
C GLU B 215 -1.33 16.57 17.76
N VAL B 216 -1.15 15.26 17.67
CA VAL B 216 -1.77 14.48 16.57
C VAL B 216 -3.28 14.59 16.71
N ALA B 217 -3.79 14.49 17.95
CA ALA B 217 -5.25 14.64 18.13
C ALA B 217 -5.82 15.98 17.64
N GLU B 218 -5.04 17.07 17.79
CA GLU B 218 -5.50 18.38 17.39
C GLU B 218 -5.70 18.41 15.86
N ALA B 219 -4.80 17.76 15.12
CA ALA B 219 -4.93 17.70 13.65
C ALA B 219 -6.15 16.91 13.23
N VAL B 220 -6.38 15.80 13.91
CA VAL B 220 -7.61 15.00 13.68
C VAL B 220 -8.87 15.83 13.95
N ALA B 221 -8.91 16.52 15.09
CA ALA B 221 -10.07 17.37 15.38
C ALA B 221 -10.35 18.46 14.33
N PHE B 222 -9.27 19.07 13.81
CA PHE B 222 -9.42 20.06 12.74
C PHE B 222 -10.03 19.37 11.51
N LEU B 223 -9.48 18.21 11.11
CA LEU B 223 -9.92 17.56 9.83
C LEU B 223 -11.38 17.06 9.92
N VAL B 224 -11.78 16.64 11.12
CA VAL B 224 -13.17 16.16 11.35
C VAL B 224 -14.20 17.28 11.53
N SER B 225 -13.69 18.51 11.62
CA SER B 225 -14.54 19.68 11.79
C SER B 225 -15.29 19.98 10.50
N GLU B 226 -16.46 20.65 10.57
CA GLU B 226 -17.03 21.25 9.35
C GLU B 226 -16.15 22.38 8.79
N LYS B 227 -15.18 22.90 9.55
CA LYS B 227 -14.27 23.90 9.04
C LYS B 227 -13.27 23.34 8.00
N ALA B 228 -13.27 21.99 7.83
CA ALA B 228 -12.33 21.30 6.91
C ALA B 228 -13.05 20.64 5.72
N GLY B 229 -14.23 21.16 5.39
CA GLY B 229 -15.07 20.50 4.40
C GLY B 229 -14.48 20.39 3.01
N TYR B 230 -13.55 21.30 2.66
CA TYR B 230 -12.92 21.34 1.31
C TYR B 230 -11.54 20.71 1.31
N ILE B 231 -11.16 20.13 2.45
CA ILE B 231 -9.92 19.33 2.50
C ILE B 231 -10.25 17.84 2.38
N THR B 232 -9.76 17.21 1.32
CA THR B 232 -9.93 15.77 1.13
C THR B 232 -8.83 15.19 0.23
N GLY B 233 -8.51 13.92 0.47
CA GLY B 233 -7.47 13.22 -0.23
C GLY B 233 -6.04 13.53 0.26
N GLN B 234 -5.91 14.25 1.38
CA GLN B 234 -4.61 14.81 1.79
C GLN B 234 -3.98 14.04 2.96
N THR B 235 -2.65 14.11 3.06
CA THR B 235 -1.93 13.47 4.14
C THR B 235 -1.13 14.58 4.80
N LEU B 236 -1.45 14.81 6.07
CA LEU B 236 -0.78 15.80 6.88
C LEU B 236 0.19 15.17 7.87
N CYS B 237 1.47 15.51 7.76
CA CYS B 237 2.46 14.97 8.72
C CYS B 237 2.52 15.82 9.97
N VAL B 238 2.53 15.20 11.15
CA VAL B 238 2.68 15.92 12.42
C VAL B 238 3.95 15.32 13.04
N ASP B 239 5.08 15.95 12.73
CA ASP B 239 6.34 15.26 12.84
C ASP B 239 7.56 16.13 13.14
N GLY B 240 7.36 17.41 13.48
CA GLY B 240 8.50 18.27 13.91
C GLY B 240 9.47 18.55 12.78
N GLY B 241 8.97 18.47 11.54
CA GLY B 241 9.80 18.74 10.35
C GLY B 241 10.52 17.55 9.77
N LEU B 242 10.21 16.37 10.26
CA LEU B 242 10.92 15.16 9.84
C LEU B 242 10.78 14.82 8.32
N THR B 243 9.58 14.91 7.75
CA THR B 243 9.30 14.32 6.42
C THR B 243 9.13 15.45 5.42
N PRO B 244 9.75 15.32 4.23
CA PRO B 244 9.61 16.38 3.22
C PRO B 244 8.26 16.32 2.52
#